data_5NCK
#
_entry.id   5NCK
#
_cell.length_a   126.520
_cell.length_b   126.520
_cell.length_c   108.850
_cell.angle_alpha   90.00
_cell.angle_beta   90.00
_cell.angle_gamma   120.00
#
_symmetry.space_group_name_H-M   'P 32 2 1'
#
loop_
_entity.id
_entity.type
_entity.pdbx_description
1 polymer 'N-acetylmannosamine kinase'
2 water water
#
_entity_poly.entity_id   1
_entity_poly.type   'polypeptide(L)'
_entity_poly.pdbx_seq_one_letter_code
;MNILAIDIGGTMIKYGLVSFDGKILSTDKIKTEASKGLNNILNKIDNIFKRYKENNPVGIAVSGTGQINGMIGKVIGGNP
IIPNWIGTNLVKILEEKYNLPIVLENDVNCVALGEKWVGAGKDLSNFICLTIGTGIGGGILLNNQLFRGENFVAGEFGHI
LIKKGEFEQFASTTALIRLVKERTGKTLNGKEIFDLEKKEILEYQEIISEWIENLTDGLSSIIYCFNPANIILGGGVIEQ
GEPLINRIKNSLFKKIGPQFKEKLNITQAKLGNNAGMIGASYLLLEKINKR
;
_entity_poly.pdbx_strand_id   A,B
#
# COMPACT_ATOMS: atom_id res chain seq x y z
N MET A 1 10.74 32.66 16.92
CA MET A 1 9.29 32.71 17.06
C MET A 1 8.68 31.32 17.32
N ASN A 2 7.34 31.20 17.20
CA ASN A 2 6.60 30.00 17.58
C ASN A 2 5.44 29.77 16.63
N ILE A 3 4.83 28.59 16.76
CA ILE A 3 3.70 28.16 15.95
C ILE A 3 2.53 27.86 16.87
N LEU A 4 1.36 28.44 16.55
CA LEU A 4 0.11 28.11 17.23
C LEU A 4 -0.47 26.84 16.61
N ALA A 5 -0.48 25.75 17.38
CA ALA A 5 -0.91 24.45 16.90
C ALA A 5 -2.24 24.07 17.55
N ILE A 6 -3.14 23.55 16.74
CA ILE A 6 -4.50 23.22 17.17
C ILE A 6 -4.82 21.82 16.67
N ASP A 7 -5.14 20.93 17.61
CA ASP A 7 -5.44 19.52 17.34
C ASP A 7 -6.92 19.29 17.63
N ILE A 8 -7.73 19.22 16.57
CA ILE A 8 -9.17 19.06 16.71
C ILE A 8 -9.51 17.56 16.75
N GLY A 9 -9.90 17.06 17.92
CA GLY A 9 -10.46 15.74 18.04
C GLY A 9 -11.98 15.80 18.11
N GLY A 10 -12.61 14.62 18.01
CA GLY A 10 -14.06 14.54 18.06
C GLY A 10 -14.65 14.94 19.40
N THR A 11 -13.87 14.86 20.47
CA THR A 11 -14.34 15.20 21.81
C THR A 11 -13.61 16.39 22.40
N MET A 12 -12.29 16.47 22.19
CA MET A 12 -11.51 17.55 22.74
C MET A 12 -10.70 18.24 21.65
N ILE A 13 -10.43 19.52 21.88
CA ILE A 13 -9.48 20.28 21.10
C ILE A 13 -8.31 20.57 22.01
N LYS A 14 -7.11 20.17 21.59
CA LYS A 14 -5.87 20.43 22.29
C LYS A 14 -5.08 21.48 21.50
N TYR A 15 -4.52 22.47 22.18
CA TYR A 15 -3.84 23.54 21.44
C TYR A 15 -2.73 24.14 22.30
N GLY A 16 -1.83 24.85 21.63
CA GLY A 16 -0.75 25.54 22.33
C GLY A 16 0.34 25.95 21.36
N LEU A 17 1.50 26.29 21.92
CA LEU A 17 2.62 26.79 21.12
C LEU A 17 3.64 25.69 20.92
N VAL A 18 4.19 25.61 19.71
CA VAL A 18 5.24 24.67 19.37
C VAL A 18 6.44 25.46 18.86
N SER A 19 7.63 25.07 19.28
CA SER A 19 8.81 25.77 18.84
C SER A 19 9.19 25.36 17.42
N PHE A 20 10.11 26.13 16.84
CA PHE A 20 10.69 25.84 15.53
C PHE A 20 11.50 24.57 15.52
N ASP A 21 11.83 24.03 16.68
CA ASP A 21 12.54 22.76 16.83
C ASP A 21 11.59 21.62 17.17
N GLY A 22 10.28 21.88 17.20
CA GLY A 22 9.32 20.84 17.46
C GLY A 22 9.03 20.58 18.91
N LYS A 23 9.31 21.53 19.81
CA LYS A 23 9.07 21.32 21.24
C LYS A 23 7.75 21.95 21.64
N ILE A 24 6.95 21.19 22.39
CA ILE A 24 5.73 21.72 23.01
C ILE A 24 6.12 22.76 24.06
N LEU A 25 5.63 23.98 23.89
CA LEU A 25 5.85 25.05 24.85
C LEU A 25 4.67 25.27 25.78
N SER A 26 3.45 24.99 25.32
CA SER A 26 2.30 25.07 26.19
C SER A 26 1.15 24.31 25.55
N THR A 27 0.26 23.79 26.38
CA THR A 27 -0.93 23.10 25.91
C THR A 27 -2.11 23.49 26.78
N ASP A 28 -3.29 23.42 26.18
CA ASP A 28 -4.57 23.61 26.82
C ASP A 28 -5.53 22.65 26.17
N LYS A 29 -6.70 22.50 26.77
CA LYS A 29 -7.72 21.63 26.24
C LYS A 29 -9.06 22.36 26.36
N ILE A 30 -9.96 22.08 25.42
CA ILE A 30 -11.31 22.60 25.49
C ILE A 30 -12.20 21.63 24.72
N LYS A 31 -13.45 21.48 25.17
CA LYS A 31 -14.35 20.50 24.56
C LYS A 31 -14.61 20.87 23.11
N THR A 32 -14.64 19.87 22.24
CA THR A 32 -14.93 20.18 20.84
C THR A 32 -16.36 20.64 20.67
N GLU A 33 -17.30 19.95 21.33
CA GLU A 33 -18.73 20.19 21.14
C GLU A 33 -19.09 20.04 19.67
N ALA A 34 -18.75 18.87 19.11
CA ALA A 34 -18.83 18.66 17.67
C ALA A 34 -20.21 18.95 17.12
N SER A 35 -21.26 18.60 17.85
CA SER A 35 -22.61 18.71 17.30
C SER A 35 -23.03 20.16 17.10
N LYS A 36 -22.33 21.12 17.70
CA LYS A 36 -22.65 22.52 17.51
C LYS A 36 -22.23 23.05 16.14
N GLY A 37 -21.41 22.31 15.38
CA GLY A 37 -21.18 22.65 13.99
C GLY A 37 -19.94 23.49 13.76
N LEU A 38 -19.80 23.91 12.49
CA LEU A 38 -18.60 24.59 12.04
C LEU A 38 -18.41 25.94 12.74
N ASN A 39 -19.49 26.72 12.90
CA ASN A 39 -19.34 28.08 13.46
C ASN A 39 -18.85 28.00 14.91
N ASN A 40 -19.29 26.98 15.64
CA ASN A 40 -18.72 26.64 16.93
C ASN A 40 -17.21 26.38 16.83
N ILE A 41 -16.79 25.55 15.87
CA ILE A 41 -15.35 25.28 15.72
C ILE A 41 -14.59 26.57 15.45
N LEU A 42 -15.14 27.43 14.58
CA LEU A 42 -14.48 28.69 14.23
C LEU A 42 -14.38 29.62 15.44
N ASN A 43 -15.40 29.64 16.30
CA ASN A 43 -15.33 30.40 17.54
C ASN A 43 -14.21 29.90 18.44
N LYS A 44 -14.16 28.59 18.65
CA LYS A 44 -13.10 28.05 19.49
C LYS A 44 -11.72 28.42 18.93
N ILE A 45 -11.53 28.27 17.60
CA ILE A 45 -10.26 28.68 17.02
C ILE A 45 -9.99 30.15 17.30
N ASP A 46 -11.04 30.98 17.20
CA ASP A 46 -10.91 32.42 17.45
C ASP A 46 -10.47 32.71 18.89
N ASN A 47 -11.10 32.05 19.86
CA ASN A 47 -10.69 32.23 21.25
C ASN A 47 -9.29 31.70 21.49
N ILE A 48 -8.95 30.58 20.85
CA ILE A 48 -7.58 30.08 20.91
C ILE A 48 -6.62 31.12 20.34
N PHE A 49 -6.95 31.70 19.19
CA PHE A 49 -6.05 32.69 18.61
C PHE A 49 -5.93 33.94 19.50
N LYS A 50 -7.05 34.41 20.07
CA LYS A 50 -6.96 35.59 20.94
C LYS A 50 -6.06 35.34 22.15
N ARG A 51 -6.13 34.14 22.73
CA ARG A 51 -5.28 33.84 23.89
C ARG A 51 -3.80 33.90 23.53
N TYR A 52 -3.43 33.56 22.30
CA TYR A 52 -2.02 33.52 21.96
C TYR A 52 -1.58 34.62 21.00
N LYS A 53 -2.47 35.54 20.62
CA LYS A 53 -2.13 36.57 19.63
C LYS A 53 -0.87 37.33 20.03
N GLU A 54 -0.67 37.58 21.33
CA GLU A 54 0.40 38.45 21.80
C GLU A 54 1.75 37.77 21.85
N ASN A 55 1.81 36.47 21.61
CA ASN A 55 3.05 35.78 21.34
C ASN A 55 3.47 35.87 19.89
N ASN A 56 2.64 36.51 19.06
CA ASN A 56 2.92 36.68 17.63
C ASN A 56 3.29 35.35 16.95
N PRO A 57 2.39 34.36 16.97
CA PRO A 57 2.70 33.09 16.29
C PRO A 57 2.92 33.32 14.81
N VAL A 58 3.85 32.57 14.22
CA VAL A 58 4.10 32.72 12.79
C VAL A 58 2.96 32.16 11.96
N GLY A 59 2.07 31.36 12.53
CA GLY A 59 0.95 30.82 11.78
C GLY A 59 0.17 29.88 12.65
N ILE A 60 -0.94 29.38 12.11
CA ILE A 60 -1.82 28.45 12.79
C ILE A 60 -1.73 27.12 12.04
N ALA A 61 -1.34 26.06 12.76
CA ALA A 61 -1.19 24.72 12.19
C ALA A 61 -2.24 23.83 12.81
N VAL A 62 -3.14 23.26 11.99
CA VAL A 62 -4.33 22.59 12.48
C VAL A 62 -4.28 21.12 12.11
N SER A 63 -4.36 20.25 13.11
CA SER A 63 -4.65 18.84 12.89
C SER A 63 -6.16 18.69 13.05
N GLY A 64 -6.81 18.19 12.00
CA GLY A 64 -8.25 18.15 11.94
C GLY A 64 -8.79 16.73 12.01
N THR A 65 -10.11 16.66 12.16
CA THR A 65 -10.81 15.39 12.19
C THR A 65 -11.48 15.15 10.83
N GLY A 66 -11.70 13.87 10.50
CA GLY A 66 -12.31 13.56 9.22
C GLY A 66 -11.30 13.36 8.10
N GLN A 67 -11.83 13.22 6.88
CA GLN A 67 -11.01 13.12 5.70
C GLN A 67 -10.67 14.52 5.18
N ILE A 68 -9.39 14.75 4.92
CA ILE A 68 -8.92 16.10 4.64
C ILE A 68 -7.94 16.05 3.49
N ASN A 69 -8.11 16.98 2.53
CA ASN A 69 -7.11 17.27 1.51
C ASN A 69 -6.08 18.19 2.16
N GLY A 70 -4.92 17.63 2.53
CA GLY A 70 -3.93 18.41 3.25
C GLY A 70 -3.10 19.35 2.39
N MET A 71 -3.08 19.14 1.07
CA MET A 71 -2.36 20.07 0.21
C MET A 71 -3.03 21.45 0.17
N ILE A 72 -4.36 21.49 0.17
CA ILE A 72 -5.04 22.79 0.17
C ILE A 72 -5.69 23.11 1.49
N GLY A 73 -5.86 22.12 2.38
CA GLY A 73 -6.45 22.40 3.68
C GLY A 73 -7.96 22.48 3.65
N LYS A 74 -8.61 21.49 3.03
CA LYS A 74 -10.06 21.42 2.91
C LYS A 74 -10.57 20.08 3.42
N VAL A 75 -11.68 20.11 4.15
CA VAL A 75 -12.35 18.89 4.61
C VAL A 75 -13.15 18.31 3.45
N ILE A 76 -12.87 17.05 3.10
CA ILE A 76 -13.51 16.42 1.94
C ILE A 76 -14.43 15.28 2.31
N GLY A 77 -14.46 14.83 3.55
CA GLY A 77 -15.35 13.73 3.91
C GLY A 77 -15.10 13.24 5.31
N GLY A 78 -15.50 11.99 5.53
CA GLY A 78 -15.45 11.39 6.83
C GLY A 78 -16.84 11.30 7.44
N ASN A 79 -16.87 10.78 8.65
CA ASN A 79 -18.13 10.59 9.37
C ASN A 79 -18.68 11.96 9.75
N PRO A 80 -19.93 12.27 9.40
CA PRO A 80 -20.43 13.65 9.62
C PRO A 80 -20.74 14.00 11.07
N ILE A 81 -19.71 14.15 11.90
CA ILE A 81 -19.89 14.48 13.31
C ILE A 81 -20.07 15.98 13.57
N ILE A 82 -19.54 16.84 12.70
CA ILE A 82 -19.62 18.28 12.89
C ILE A 82 -20.38 18.83 11.70
N PRO A 83 -21.59 19.37 11.90
CA PRO A 83 -22.36 19.90 10.76
C PRO A 83 -21.60 21.01 10.03
N ASN A 84 -21.59 20.94 8.70
CA ASN A 84 -20.94 21.86 7.77
C ASN A 84 -19.41 21.81 7.82
N TRP A 85 -18.82 20.94 8.63
CA TRP A 85 -17.37 20.78 8.61
C TRP A 85 -16.92 20.27 7.25
N ILE A 86 -17.57 19.23 6.73
CA ILE A 86 -17.20 18.70 5.41
C ILE A 86 -17.47 19.76 4.34
N GLY A 87 -16.51 19.96 3.44
CA GLY A 87 -16.60 21.00 2.46
C GLY A 87 -15.88 22.27 2.84
N THR A 88 -15.50 22.42 4.11
CA THR A 88 -14.90 23.65 4.60
C THR A 88 -13.46 23.77 4.12
N ASN A 89 -13.14 24.89 3.48
CA ASN A 89 -11.79 25.24 3.06
C ASN A 89 -11.21 26.10 4.18
N LEU A 90 -10.70 25.42 5.21
CA LEU A 90 -10.31 26.13 6.42
C LEU A 90 -9.12 27.06 6.18
N VAL A 91 -8.18 26.64 5.33
CA VAL A 91 -7.02 27.48 5.05
C VAL A 91 -7.46 28.80 4.42
N LYS A 92 -8.38 28.74 3.44
CA LYS A 92 -8.87 29.97 2.82
C LYS A 92 -9.52 30.87 3.86
N ILE A 93 -10.37 30.29 4.71
CA ILE A 93 -11.11 31.09 5.68
C ILE A 93 -10.18 31.73 6.69
N LEU A 94 -9.23 30.96 7.21
CA LEU A 94 -8.40 31.48 8.29
C LEU A 94 -7.30 32.41 7.79
N GLU A 95 -6.77 32.16 6.59
CA GLU A 95 -5.78 33.10 6.06
C GLU A 95 -6.41 34.47 5.82
N GLU A 96 -7.67 34.50 5.42
CA GLU A 96 -8.34 35.78 5.25
C GLU A 96 -8.69 36.41 6.59
N LYS A 97 -9.14 35.59 7.55
CA LYS A 97 -9.55 36.12 8.84
C LYS A 97 -8.36 36.62 9.65
N TYR A 98 -7.28 35.84 9.71
CA TYR A 98 -6.16 36.19 10.58
C TYR A 98 -4.91 36.66 9.85
N ASN A 99 -4.89 36.57 8.52
CA ASN A 99 -3.76 37.08 7.73
C ASN A 99 -2.43 36.48 8.18
N LEU A 100 -2.43 35.16 8.41
CA LEU A 100 -1.24 34.37 8.69
C LEU A 100 -1.33 33.08 7.89
N PRO A 101 -0.19 32.48 7.56
CA PRO A 101 -0.25 31.16 6.89
C PRO A 101 -0.94 30.13 7.79
N ILE A 102 -1.78 29.30 7.17
CA ILE A 102 -2.55 28.26 7.84
C ILE A 102 -2.26 26.93 7.15
N VAL A 103 -2.26 25.83 7.91
CA VAL A 103 -2.39 24.50 7.33
C VAL A 103 -3.47 23.73 8.08
N LEU A 104 -4.15 22.85 7.33
CA LEU A 104 -5.07 21.87 7.87
C LEU A 104 -4.72 20.51 7.27
N GLU A 105 -4.52 19.52 8.14
CA GLU A 105 -4.14 18.16 7.72
C GLU A 105 -4.89 17.14 8.57
N ASN A 106 -5.05 15.92 8.05
CA ASN A 106 -5.81 14.94 8.80
C ASN A 106 -5.00 14.45 10.01
N ASP A 107 -5.70 13.71 10.88
CA ASP A 107 -5.19 13.35 12.21
C ASP A 107 -3.92 12.50 12.12
N VAL A 108 -3.97 11.38 11.40
CA VAL A 108 -2.86 10.44 11.47
C VAL A 108 -1.71 10.90 10.60
N ASN A 109 -1.95 11.73 9.59
CA ASN A 109 -0.82 12.28 8.85
C ASN A 109 -0.03 13.24 9.73
N CYS A 110 -0.73 14.01 10.57
CA CYS A 110 -0.04 14.90 11.51
C CYS A 110 0.79 14.09 12.52
N VAL A 111 0.21 13.01 13.06
CA VAL A 111 0.96 12.15 13.97
C VAL A 111 2.22 11.63 13.28
N ALA A 112 2.09 11.14 12.04
CA ALA A 112 3.23 10.63 11.30
C ALA A 112 4.32 11.70 11.13
N LEU A 113 3.92 12.90 10.71
CA LEU A 113 4.91 13.96 10.53
C LEU A 113 5.50 14.39 11.87
N GLY A 114 4.72 14.35 12.95
CA GLY A 114 5.29 14.61 14.27
C GLY A 114 6.38 13.61 14.60
N GLU A 115 6.08 12.31 14.44
CA GLU A 115 7.09 11.30 14.72
C GLU A 115 8.26 11.44 13.76
N LYS A 116 8.01 11.88 12.52
CA LYS A 116 9.08 12.09 11.55
C LYS A 116 10.03 13.18 12.01
N TRP A 117 9.49 14.26 12.58
CA TRP A 117 10.29 15.42 12.90
C TRP A 117 11.21 15.15 14.09
N VAL A 118 10.65 14.73 15.23
CA VAL A 118 11.39 14.64 16.49
C VAL A 118 11.02 13.36 17.24
N GLY A 119 10.30 12.44 16.60
CA GLY A 119 9.91 11.25 17.33
C GLY A 119 10.57 10.00 16.79
N ALA A 120 9.82 8.90 16.74
CA ALA A 120 10.38 7.62 16.31
C ALA A 120 10.75 7.59 14.83
N GLY A 121 10.36 8.58 14.04
CA GLY A 121 10.76 8.64 12.66
C GLY A 121 11.92 9.59 12.42
N LYS A 122 12.52 10.10 13.49
CA LYS A 122 13.56 11.13 13.44
C LYS A 122 14.63 10.85 12.40
N ASP A 123 15.03 9.58 12.20
CA ASP A 123 16.10 9.33 11.25
C ASP A 123 15.70 8.48 10.05
N LEU A 124 14.41 8.41 9.74
CA LEU A 124 13.93 7.54 8.69
C LEU A 124 13.42 8.38 7.54
N SER A 125 13.64 7.90 6.33
CA SER A 125 13.03 8.50 5.17
C SER A 125 11.77 7.74 4.73
N ASN A 126 11.58 6.52 5.22
CA ASN A 126 10.42 5.70 4.84
C ASN A 126 9.92 5.01 6.11
N PHE A 127 8.61 5.06 6.33
CA PHE A 127 7.99 4.24 7.37
C PHE A 127 6.48 4.29 7.20
N ILE A 128 5.81 3.38 7.89
CA ILE A 128 4.36 3.42 8.05
C ILE A 128 4.06 3.56 9.54
N CYS A 129 3.23 4.54 9.88
CA CYS A 129 2.89 4.87 11.25
C CYS A 129 1.40 4.61 11.46
N LEU A 130 1.08 3.68 12.36
CA LEU A 130 -0.31 3.39 12.68
C LEU A 130 -0.67 3.87 14.08
N THR A 131 -1.84 4.51 14.19
CA THR A 131 -2.48 4.78 15.47
C THR A 131 -3.55 3.73 15.72
N ILE A 132 -3.60 3.20 16.94
CA ILE A 132 -4.50 2.11 17.27
C ILE A 132 -5.43 2.55 18.40
N GLY A 133 -6.33 3.48 18.13
CA GLY A 133 -7.20 3.94 19.20
C GLY A 133 -8.65 3.57 19.01
N THR A 134 -9.55 4.56 18.82
CA THR A 134 -10.95 4.20 18.59
C THR A 134 -11.14 3.53 17.24
N GLY A 135 -10.26 3.82 16.29
CA GLY A 135 -10.17 3.04 15.09
C GLY A 135 -8.71 2.76 14.82
N ILE A 136 -8.38 2.47 13.57
CA ILE A 136 -7.00 2.26 13.13
C ILE A 136 -6.77 3.14 11.90
N GLY A 137 -5.74 3.99 11.95
CA GLY A 137 -5.37 4.76 10.79
C GLY A 137 -3.86 4.83 10.68
N GLY A 138 -3.40 5.26 9.51
CA GLY A 138 -1.98 5.25 9.23
C GLY A 138 -1.56 6.45 8.41
N GLY A 139 -0.33 6.89 8.65
CA GLY A 139 0.32 7.88 7.81
C GLY A 139 1.54 7.22 7.19
N ILE A 140 1.73 7.47 5.90
CA ILE A 140 2.74 6.77 5.11
C ILE A 140 3.80 7.78 4.71
N LEU A 141 5.04 7.53 5.09
CA LEU A 141 6.17 8.36 4.68
C LEU A 141 6.98 7.54 3.70
N LEU A 142 7.17 8.08 2.48
CA LEU A 142 7.96 7.44 1.44
C LEU A 142 8.88 8.49 0.85
N ASN A 143 10.14 8.10 0.66
CA ASN A 143 11.24 9.00 0.25
C ASN A 143 11.10 10.39 0.86
N ASN A 144 11.04 10.44 2.18
CA ASN A 144 10.96 11.66 2.99
C ASN A 144 9.68 12.49 2.79
N GLN A 145 8.65 11.96 2.10
CA GLN A 145 7.45 12.73 1.80
C GLN A 145 6.22 12.01 2.33
N LEU A 146 5.31 12.76 2.93
CA LEU A 146 4.01 12.21 3.24
C LEU A 146 3.34 11.72 1.97
N PHE A 147 2.77 10.52 2.02
CA PHE A 147 2.11 9.90 0.89
C PHE A 147 0.61 9.94 1.18
N ARG A 148 -0.09 10.86 0.52
CA ARG A 148 -1.47 11.13 0.89
C ARG A 148 -2.49 10.32 0.09
N GLY A 149 -2.10 9.77 -1.06
CA GLY A 149 -3.05 9.15 -1.96
C GLY A 149 -3.59 10.13 -2.99
N GLU A 150 -4.04 9.59 -4.12
CA GLU A 150 -4.52 10.41 -5.22
C GLU A 150 -5.75 11.21 -4.86
N ASN A 151 -6.51 10.79 -3.83
CA ASN A 151 -7.62 11.58 -3.32
C ASN A 151 -7.49 11.77 -1.81
N PHE A 152 -6.25 11.82 -1.29
CA PHE A 152 -5.96 12.30 0.05
C PHE A 152 -6.46 11.38 1.15
N VAL A 153 -6.85 10.15 0.82
CA VAL A 153 -7.32 9.22 1.85
C VAL A 153 -6.51 7.92 1.86
N ALA A 154 -5.28 7.91 1.36
CA ALA A 154 -4.41 6.76 1.60
C ALA A 154 -4.21 6.55 3.11
N GLY A 155 -3.93 5.31 3.49
CA GLY A 155 -3.63 5.01 4.87
C GLY A 155 -4.84 4.75 5.76
N GLU A 156 -6.04 4.61 5.20
CA GLU A 156 -7.20 4.26 6.03
C GLU A 156 -7.21 2.75 6.26
N PHE A 157 -6.16 2.31 6.95
CA PHE A 157 -5.93 0.89 7.15
C PHE A 157 -7.07 0.22 7.90
N GLY A 158 -7.81 0.97 8.71
CA GLY A 158 -8.89 0.37 9.49
C GLY A 158 -9.92 -0.39 8.68
N HIS A 159 -10.06 -0.07 7.37
CA HIS A 159 -11.06 -0.67 6.49
C HIS A 159 -10.57 -1.88 5.70
N ILE A 160 -9.28 -2.23 5.74
CA ILE A 160 -8.87 -3.45 5.03
C ILE A 160 -9.46 -4.69 5.72
N LEU A 161 -9.52 -5.79 4.97
CA LEU A 161 -10.11 -7.02 5.48
C LEU A 161 -9.08 -7.88 6.20
N ILE A 162 -9.53 -8.51 7.27
CA ILE A 162 -8.85 -9.67 7.85
C ILE A 162 -9.89 -10.79 7.84
N LYS A 163 -9.49 -12.01 8.23
CA LYS A 163 -10.40 -13.15 8.16
C LYS A 163 -11.70 -12.89 8.92
N LYS A 164 -11.63 -12.18 10.04
CA LYS A 164 -12.83 -11.95 10.85
C LYS A 164 -13.71 -10.82 10.36
N GLY A 165 -13.21 -9.95 9.48
CA GLY A 165 -14.01 -8.82 9.01
C GLY A 165 -13.15 -7.59 8.79
N GLU A 166 -13.68 -6.41 9.14
CA GLU A 166 -12.89 -5.19 9.02
C GLU A 166 -11.83 -5.11 10.11
N PHE A 167 -10.60 -4.78 9.71
CA PHE A 167 -9.46 -4.66 10.62
C PHE A 167 -9.80 -3.88 11.90
N GLU A 168 -10.23 -2.63 11.73
CA GLU A 168 -10.65 -1.74 12.82
C GLU A 168 -11.62 -2.39 13.78
N GLN A 169 -12.59 -3.14 13.26
CA GLN A 169 -13.62 -3.71 14.11
C GLN A 169 -13.08 -4.82 15.02
N PHE A 170 -11.84 -5.28 14.80
CA PHE A 170 -11.34 -6.38 15.62
C PHE A 170 -9.95 -6.12 16.18
N ALA A 171 -9.33 -5.00 15.82
CA ALA A 171 -7.96 -4.78 16.22
C ALA A 171 -7.69 -3.38 16.75
N SER A 172 -8.68 -2.48 16.75
CA SER A 172 -8.52 -1.21 17.45
C SER A 172 -8.65 -1.42 18.95
N THR A 173 -8.30 -0.40 19.74
CA THR A 173 -8.52 -0.46 21.18
C THR A 173 -10.01 -0.57 21.50
N THR A 174 -10.86 0.14 20.76
CA THR A 174 -12.30 -0.02 20.88
C THR A 174 -12.72 -1.47 20.71
N ALA A 175 -12.15 -2.17 19.73
CA ALA A 175 -12.48 -3.57 19.54
C ALA A 175 -12.05 -4.42 20.72
N LEU A 176 -10.86 -4.14 21.28
CA LEU A 176 -10.40 -4.89 22.44
C LEU A 176 -11.37 -4.73 23.62
N ILE A 177 -11.76 -3.48 23.91
CA ILE A 177 -12.76 -3.19 24.94
C ILE A 177 -14.06 -3.94 24.64
N ARG A 178 -14.48 -3.91 23.38
CA ARG A 178 -15.73 -4.59 23.04
C ARG A 178 -15.60 -6.09 23.23
N LEU A 179 -14.45 -6.66 22.85
CA LEU A 179 -14.24 -8.08 23.08
C LEU A 179 -14.32 -8.41 24.57
N VAL A 180 -13.70 -7.60 25.43
CA VAL A 180 -13.82 -7.85 26.87
C VAL A 180 -15.27 -7.69 27.33
N LYS A 181 -15.97 -6.68 26.80
CA LYS A 181 -17.37 -6.48 27.17
C LYS A 181 -18.24 -7.67 26.75
N GLU A 182 -18.03 -8.18 25.54
CA GLU A 182 -18.84 -9.31 25.05
C GLU A 182 -18.60 -10.56 25.89
N ARG A 183 -17.37 -10.81 26.30
CA ARG A 183 -17.05 -12.06 26.99
C ARG A 183 -17.36 -12.00 28.48
N THR A 184 -17.21 -10.84 29.13
CA THR A 184 -17.27 -10.72 30.58
C THR A 184 -18.42 -9.88 31.10
N GLY A 185 -19.10 -9.11 30.24
CA GLY A 185 -20.12 -8.17 30.67
C GLY A 185 -19.59 -6.85 31.20
N LYS A 186 -18.28 -6.71 31.37
CA LYS A 186 -17.69 -5.51 31.97
C LYS A 186 -17.13 -4.58 30.92
N THR A 187 -17.28 -3.26 31.16
CA THR A 187 -16.74 -2.23 30.28
C THR A 187 -15.49 -1.63 30.94
N LEU A 188 -14.32 -1.96 30.40
CA LEU A 188 -13.03 -1.57 30.98
C LEU A 188 -12.29 -0.66 30.00
N ASN A 189 -11.25 0.04 30.49
CA ASN A 189 -10.56 1.07 29.71
C ASN A 189 -9.30 0.64 28.96
N GLY A 190 -8.72 -0.51 29.25
CA GLY A 190 -7.54 -0.87 28.47
C GLY A 190 -6.35 -0.98 29.40
N LYS A 191 -6.09 0.05 30.21
CA LYS A 191 -5.20 -0.15 31.36
C LYS A 191 -5.79 -1.21 32.27
N GLU A 192 -7.09 -1.10 32.59
CA GLU A 192 -7.75 -2.09 33.42
C GLU A 192 -7.69 -3.47 32.78
N ILE A 193 -7.81 -3.54 31.45
CA ILE A 193 -7.75 -4.81 30.76
C ILE A 193 -6.36 -5.42 30.88
N PHE A 194 -5.32 -4.63 30.63
CA PHE A 194 -3.99 -5.20 30.69
C PHE A 194 -3.53 -5.45 32.13
N ASP A 195 -3.97 -4.62 33.08
CA ASP A 195 -3.70 -4.91 34.49
C ASP A 195 -4.24 -6.28 34.87
N LEU A 196 -5.45 -6.61 34.42
CA LEU A 196 -6.01 -7.92 34.68
C LEU A 196 -5.20 -9.03 34.03
N GLU A 197 -4.58 -8.77 32.86
CA GLU A 197 -3.69 -9.77 32.28
C GLU A 197 -2.42 -9.97 33.12
N LYS A 198 -1.84 -8.88 33.66
CA LYS A 198 -0.65 -9.02 34.50
C LYS A 198 -0.94 -9.85 35.73
N LYS A 199 -2.16 -9.85 36.19
CA LYS A 199 -2.60 -10.70 37.27
C LYS A 199 -2.92 -12.14 36.82
N GLU A 200 -2.45 -12.53 35.62
CA GLU A 200 -2.61 -13.88 35.08
C GLU A 200 -4.04 -14.37 35.17
N ILE A 201 -4.98 -13.45 34.97
CA ILE A 201 -6.38 -13.85 34.87
C ILE A 201 -6.57 -14.46 33.49
N LEU A 202 -6.93 -15.75 33.45
CA LEU A 202 -6.91 -16.49 32.19
C LEU A 202 -7.82 -15.85 31.15
N GLU A 203 -9.01 -15.43 31.56
CA GLU A 203 -9.99 -14.86 30.64
C GLU A 203 -9.39 -13.71 29.84
N TYR A 204 -8.67 -12.82 30.51
CA TYR A 204 -8.12 -11.63 29.88
C TYR A 204 -6.85 -11.93 29.09
N GLN A 205 -6.11 -12.96 29.48
CA GLN A 205 -4.98 -13.38 28.66
C GLN A 205 -5.47 -13.92 27.32
N GLU A 206 -6.55 -14.70 27.33
CA GLU A 206 -7.06 -15.27 26.08
C GLU A 206 -7.63 -14.19 25.17
N ILE A 207 -8.28 -13.18 25.73
CA ILE A 207 -8.88 -12.13 24.91
C ILE A 207 -7.81 -11.26 24.29
N ILE A 208 -6.80 -10.89 25.08
CA ILE A 208 -5.71 -10.07 24.54
C ILE A 208 -4.93 -10.82 23.47
N SER A 209 -4.71 -12.13 23.67
CA SER A 209 -3.98 -12.92 22.70
C SER A 209 -4.74 -13.00 21.39
N GLU A 210 -6.05 -13.15 21.47
CA GLU A 210 -6.88 -13.14 20.27
C GLU A 210 -6.83 -11.78 19.59
N TRP A 211 -6.87 -10.70 20.39
CA TRP A 211 -6.82 -9.36 19.83
C TRP A 211 -5.47 -9.09 19.14
N ILE A 212 -4.37 -9.59 19.70
CA ILE A 212 -3.05 -9.43 19.08
C ILE A 212 -3.01 -10.12 17.71
N GLU A 213 -3.60 -11.32 17.60
CA GLU A 213 -3.67 -12.00 16.31
C GLU A 213 -4.48 -11.19 15.30
N ASN A 214 -5.62 -10.62 15.72
CA ASN A 214 -6.37 -9.73 14.84
C ASN A 214 -5.47 -8.61 14.35
N LEU A 215 -4.66 -8.05 15.24
CA LEU A 215 -3.85 -6.89 14.87
C LEU A 215 -2.78 -7.27 13.83
N THR A 216 -2.08 -8.40 14.04
CA THR A 216 -1.00 -8.75 13.11
C THR A 216 -1.54 -9.33 11.80
N ASP A 217 -2.77 -9.85 11.79
CA ASP A 217 -3.42 -10.14 10.52
C ASP A 217 -3.44 -8.91 9.62
N GLY A 218 -3.96 -7.81 10.13
CA GLY A 218 -4.04 -6.61 9.33
C GLY A 218 -2.67 -6.06 8.98
N LEU A 219 -1.77 -6.05 9.96
CA LEU A 219 -0.42 -5.58 9.69
C LEU A 219 0.24 -6.37 8.57
N SER A 220 -0.01 -7.69 8.52
CA SER A 220 0.63 -8.53 7.50
C SER A 220 0.16 -8.13 6.09
N SER A 221 -1.13 -7.79 5.95
CA SER A 221 -1.60 -7.28 4.67
C SER A 221 -0.91 -5.97 4.27
N ILE A 222 -0.70 -5.07 5.23
CA ILE A 222 0.01 -3.81 4.94
C ILE A 222 1.43 -4.11 4.52
N ILE A 223 2.05 -5.09 5.15
CA ILE A 223 3.45 -5.41 4.85
C ILE A 223 3.57 -6.00 3.46
N TYR A 224 2.62 -6.85 3.07
CA TYR A 224 2.64 -7.41 1.73
C TYR A 224 2.42 -6.35 0.66
N CYS A 225 1.67 -5.29 0.98
CA CYS A 225 1.49 -4.19 0.03
C CYS A 225 2.74 -3.32 -0.06
N PHE A 226 3.30 -2.90 1.08
CA PHE A 226 4.33 -1.87 1.10
C PHE A 226 5.75 -2.41 1.27
N ASN A 227 5.94 -3.63 1.84
CA ASN A 227 7.27 -4.15 2.18
C ASN A 227 8.08 -3.06 2.88
N PRO A 228 7.56 -2.46 3.96
CA PRO A 228 8.34 -1.45 4.68
C PRO A 228 9.49 -2.08 5.44
N ALA A 229 10.43 -1.22 5.86
CA ALA A 229 11.46 -1.60 6.83
C ALA A 229 11.12 -1.14 8.24
N ASN A 230 10.25 -0.14 8.39
CA ASN A 230 9.93 0.45 9.69
C ASN A 230 8.44 0.69 9.82
N ILE A 231 7.84 0.08 10.84
CA ILE A 231 6.47 0.34 11.26
C ILE A 231 6.50 0.95 12.65
N ILE A 232 5.81 2.09 12.81
CA ILE A 232 5.70 2.79 14.09
C ILE A 232 4.25 2.65 14.55
N LEU A 233 4.08 2.08 15.74
CA LEU A 233 2.75 1.90 16.34
C LEU A 233 2.56 2.88 17.49
N GLY A 234 1.39 3.53 17.52
CA GLY A 234 1.03 4.41 18.61
C GLY A 234 -0.45 4.30 18.92
N GLY A 235 -0.88 5.03 19.94
CA GLY A 235 -2.27 5.09 20.35
C GLY A 235 -2.65 4.04 21.38
N GLY A 236 -3.71 4.34 22.13
CA GLY A 236 -4.40 3.44 23.04
C GLY A 236 -3.53 2.48 23.82
N VAL A 237 -3.83 1.19 23.71
CA VAL A 237 -3.12 0.18 24.48
C VAL A 237 -1.64 0.06 24.12
N ILE A 238 -1.15 0.75 23.08
CA ILE A 238 0.28 0.72 22.83
C ILE A 238 1.05 1.46 23.91
N GLU A 239 0.36 2.26 24.73
CA GLU A 239 0.90 2.75 26.01
C GLU A 239 1.61 1.64 26.80
N GLN A 240 1.19 0.38 26.64
CA GLN A 240 1.82 -0.76 27.34
C GLN A 240 3.32 -0.87 27.07
N GLY A 241 3.80 -0.32 25.95
CA GLY A 241 5.23 -0.26 25.63
C GLY A 241 5.84 -1.52 25.06
N GLU A 242 7.15 -1.63 25.26
CA GLU A 242 7.93 -2.72 24.68
C GLU A 242 7.42 -4.13 24.97
N PRO A 243 6.85 -4.45 26.15
CA PRO A 243 6.36 -5.84 26.32
C PRO A 243 5.25 -6.18 25.34
N LEU A 244 4.38 -5.22 25.01
CA LEU A 244 3.37 -5.46 23.98
C LEU A 244 3.96 -5.44 22.57
N ILE A 245 4.82 -4.47 22.26
CA ILE A 245 5.42 -4.41 20.92
C ILE A 245 6.10 -5.73 20.58
N ASN A 246 6.83 -6.29 21.54
CA ASN A 246 7.59 -7.49 21.26
C ASN A 246 6.65 -8.65 20.94
N ARG A 247 5.56 -8.78 21.70
CA ARG A 247 4.55 -9.80 21.38
C ARG A 247 3.93 -9.57 20.01
N ILE A 248 3.70 -8.30 19.65
CA ILE A 248 3.14 -8.03 18.32
C ILE A 248 4.10 -8.47 17.25
N LYS A 249 5.39 -8.18 17.45
CA LYS A 249 6.40 -8.53 16.48
C LYS A 249 6.48 -10.05 16.30
N ASN A 250 6.46 -10.80 17.41
CA ASN A 250 6.55 -12.26 17.32
C ASN A 250 5.34 -12.83 16.61
N SER A 251 4.16 -12.32 16.95
CA SER A 251 2.93 -12.76 16.30
C SER A 251 2.99 -12.46 14.81
N LEU A 252 3.41 -11.25 14.45
CA LEU A 252 3.48 -10.84 13.05
C LEU A 252 4.51 -11.66 12.26
N PHE A 253 5.68 -11.94 12.84
CA PHE A 253 6.72 -12.61 12.07
C PHE A 253 6.35 -14.05 11.72
N LYS A 254 5.37 -14.64 12.42
CA LYS A 254 4.86 -15.94 12.02
C LYS A 254 4.00 -15.89 10.75
N LYS A 255 3.65 -14.70 10.26
CA LYS A 255 2.66 -14.55 9.20
C LYS A 255 3.22 -13.93 7.92
N ILE A 256 4.47 -13.54 7.91
CA ILE A 256 5.05 -12.91 6.74
C ILE A 256 6.36 -13.64 6.42
N GLY A 257 6.71 -13.68 5.13
CA GLY A 257 7.88 -14.42 4.69
C GLY A 257 9.18 -13.72 5.00
N PRO A 258 10.28 -14.47 4.83
CA PRO A 258 11.62 -13.96 5.19
C PRO A 258 11.97 -12.62 4.56
N GLN A 259 11.67 -12.40 3.28
CA GLN A 259 12.06 -11.13 2.68
C GLN A 259 11.27 -9.96 3.24
N PHE A 260 10.13 -10.24 3.88
CA PHE A 260 9.35 -9.17 4.49
C PHE A 260 9.74 -8.85 5.93
N LYS A 261 10.33 -9.81 6.64
CA LYS A 261 10.70 -9.58 8.04
C LYS A 261 12.18 -9.42 8.25
N GLU A 262 13.00 -9.81 7.27
CA GLU A 262 14.45 -9.81 7.45
C GLU A 262 14.96 -8.47 7.94
N LYS A 263 14.39 -7.38 7.43
CA LYS A 263 14.86 -6.03 7.75
C LYS A 263 13.79 -5.18 8.42
N LEU A 264 12.78 -5.78 9.04
CA LEU A 264 11.62 -5.03 9.50
C LEU A 264 11.69 -4.73 11.00
N ASN A 265 11.47 -3.47 11.37
CA ASN A 265 11.39 -3.03 12.76
C ASN A 265 9.98 -2.59 13.11
N ILE A 266 9.45 -3.13 14.19
CA ILE A 266 8.23 -2.63 14.82
C ILE A 266 8.69 -1.78 15.99
N THR A 267 8.29 -0.51 16.00
CA THR A 267 8.77 0.44 16.99
C THR A 267 7.59 1.22 17.55
N GLN A 268 7.74 1.71 18.78
CA GLN A 268 6.68 2.47 19.41
C GLN A 268 6.86 3.96 19.09
N ALA A 269 5.75 4.63 18.79
CA ALA A 269 5.77 6.08 18.70
C ALA A 269 6.33 6.67 19.99
N LYS A 270 7.06 7.79 19.87
CA LYS A 270 7.66 8.43 21.03
C LYS A 270 6.87 9.62 21.57
N LEU A 271 6.07 10.29 20.77
CA LEU A 271 5.51 11.58 21.16
C LEU A 271 4.15 11.50 21.82
N GLY A 272 3.56 10.31 21.90
CA GLY A 272 2.22 10.21 22.47
C GLY A 272 1.22 11.13 21.81
N ASN A 273 0.33 11.73 22.60
CA ASN A 273 -0.73 12.54 22.04
C ASN A 273 -0.31 13.98 21.71
N ASN A 274 1.00 14.28 21.74
CA ASN A 274 1.53 15.55 21.28
C ASN A 274 1.97 15.51 19.83
N ALA A 275 2.07 14.32 19.24
CA ALA A 275 2.55 14.20 17.87
C ALA A 275 1.73 15.05 16.89
N GLY A 276 0.40 15.07 17.07
CA GLY A 276 -0.44 15.82 16.14
C GLY A 276 -0.08 17.30 16.08
N MET A 277 0.03 17.93 17.25
CA MET A 277 0.43 19.34 17.26
C MET A 277 1.79 19.53 16.59
N ILE A 278 2.71 18.62 16.87
CA ILE A 278 4.07 18.75 16.37
C ILE A 278 4.10 18.55 14.87
N GLY A 279 3.35 17.57 14.36
CA GLY A 279 3.36 17.30 12.93
C GLY A 279 2.66 18.37 12.12
N ALA A 280 1.50 18.84 12.60
CA ALA A 280 0.85 19.97 11.95
C ALA A 280 1.82 21.15 11.87
N SER A 281 2.64 21.35 12.90
CA SER A 281 3.58 22.47 12.91
C SER A 281 4.70 22.23 11.91
N TYR A 282 5.17 21.00 11.82
CA TYR A 282 6.11 20.61 10.78
C TYR A 282 5.58 21.00 9.42
N LEU A 283 4.29 20.72 9.16
CA LEU A 283 3.67 21.05 7.87
C LEU A 283 3.67 22.55 7.62
N LEU A 284 3.29 23.32 8.63
CA LEU A 284 3.27 24.78 8.48
C LEU A 284 4.66 25.33 8.18
N LEU A 285 5.70 24.81 8.85
CA LEU A 285 7.06 25.26 8.58
C LEU A 285 7.47 24.92 7.16
N GLU A 286 7.08 23.74 6.67
CA GLU A 286 7.31 23.40 5.27
C GLU A 286 6.69 24.43 4.35
N LYS A 287 5.46 24.86 4.65
CA LYS A 287 4.80 25.86 3.82
C LYS A 287 5.51 27.20 3.88
N ILE A 288 5.99 27.58 5.07
CA ILE A 288 6.58 28.90 5.25
C ILE A 288 7.96 29.00 4.58
N ASN A 289 8.73 27.91 4.52
CA ASN A 289 10.16 27.96 4.18
C ASN A 289 10.40 27.72 2.68
N LYS A 290 10.66 28.80 1.93
CA LYS A 290 11.12 28.72 0.54
C LYS A 290 11.92 29.98 0.21
N ARG A 291 12.65 29.91 -0.91
CA ARG A 291 13.45 31.05 -1.43
C ARG A 291 13.18 31.35 -2.92
N MET B 1 18.81 -0.24 -34.33
CA MET B 1 19.05 -0.08 -32.89
C MET B 1 17.88 -0.58 -32.03
N ASN B 2 18.14 -1.70 -31.36
CA ASN B 2 17.13 -2.49 -30.68
C ASN B 2 17.68 -3.13 -29.41
N ILE B 3 16.78 -3.75 -28.65
CA ILE B 3 17.08 -4.37 -27.37
C ILE B 3 16.71 -5.85 -27.43
N LEU B 4 17.62 -6.72 -27.02
CA LEU B 4 17.29 -8.12 -26.88
C LEU B 4 16.61 -8.32 -25.52
N ALA B 5 15.32 -8.64 -25.55
CA ALA B 5 14.50 -8.80 -24.35
C ALA B 5 14.10 -10.25 -24.17
N ILE B 6 14.16 -10.72 -22.93
CA ILE B 6 13.91 -12.11 -22.58
C ILE B 6 12.98 -12.13 -21.36
N ASP B 7 11.85 -12.80 -21.48
CA ASP B 7 10.85 -12.88 -20.42
C ASP B 7 10.81 -14.33 -19.96
N ILE B 8 11.48 -14.61 -18.85
CA ILE B 8 11.57 -15.97 -18.33
C ILE B 8 10.36 -16.19 -17.42
N GLY B 9 9.38 -16.95 -17.90
CA GLY B 9 8.27 -17.36 -17.08
C GLY B 9 8.45 -18.78 -16.53
N GLY B 10 7.55 -19.15 -15.62
CA GLY B 10 7.63 -20.47 -15.01
C GLY B 10 7.45 -21.62 -15.97
N THR B 11 6.77 -21.40 -17.10
CA THR B 11 6.53 -22.40 -18.13
C THR B 11 7.13 -22.03 -19.48
N MET B 12 7.05 -20.77 -19.89
CA MET B 12 7.58 -20.37 -21.18
C MET B 12 8.60 -19.26 -21.03
N ILE B 13 9.54 -19.23 -21.95
CA ILE B 13 10.46 -18.12 -22.13
C ILE B 13 10.07 -17.45 -23.43
N LYS B 14 9.68 -16.18 -23.35
CA LYS B 14 9.34 -15.42 -24.55
C LYS B 14 10.43 -14.38 -24.75
N TYR B 15 10.90 -14.24 -25.99
CA TYR B 15 12.03 -13.38 -26.28
C TYR B 15 11.92 -12.79 -27.67
N GLY B 16 12.68 -11.74 -27.90
CA GLY B 16 12.71 -11.11 -29.21
C GLY B 16 13.36 -9.75 -29.11
N LEU B 17 13.16 -8.94 -30.14
CA LEU B 17 13.72 -7.60 -30.22
C LEU B 17 12.66 -6.56 -29.92
N VAL B 18 13.07 -5.53 -29.17
CA VAL B 18 12.26 -4.37 -28.87
C VAL B 18 13.01 -3.15 -29.35
N SER B 19 12.30 -2.23 -29.98
CA SER B 19 12.93 -1.01 -30.46
C SER B 19 13.14 -0.05 -29.29
N PHE B 20 13.94 1.00 -29.55
CA PHE B 20 14.16 2.03 -28.54
C PHE B 20 12.90 2.80 -28.20
N ASP B 21 11.83 2.66 -28.99
CA ASP B 21 10.54 3.29 -28.72
C ASP B 21 9.55 2.34 -28.07
N GLY B 22 9.96 1.12 -27.73
CA GLY B 22 9.09 0.19 -27.05
C GLY B 22 8.23 -0.69 -27.95
N LYS B 23 8.61 -0.84 -29.21
CA LYS B 23 7.82 -1.62 -30.16
C LYS B 23 8.39 -3.03 -30.27
N ILE B 24 7.53 -4.04 -30.18
CA ILE B 24 7.94 -5.41 -30.46
C ILE B 24 8.31 -5.50 -31.94
N LEU B 25 9.55 -5.93 -32.23
CA LEU B 25 9.98 -6.12 -33.61
C LEU B 25 9.96 -7.56 -34.06
N SER B 26 10.15 -8.50 -33.15
CA SER B 26 10.07 -9.92 -33.43
C SER B 26 9.93 -10.65 -32.10
N THR B 27 9.24 -11.79 -32.11
CA THR B 27 9.09 -12.62 -30.91
C THR B 27 9.22 -14.10 -31.27
N ASP B 28 9.64 -14.87 -30.27
CA ASP B 28 9.75 -16.32 -30.32
C ASP B 28 9.40 -16.86 -28.95
N LYS B 29 9.32 -18.19 -28.86
CA LYS B 29 8.94 -18.80 -27.61
C LYS B 29 9.74 -20.10 -27.49
N ILE B 30 10.03 -20.52 -26.27
CA ILE B 30 10.66 -21.82 -26.04
C ILE B 30 10.28 -22.23 -24.63
N LYS B 31 10.14 -23.55 -24.43
CA LYS B 31 9.75 -24.07 -23.13
C LYS B 31 10.84 -23.78 -22.10
N THR B 32 10.41 -23.33 -20.92
CA THR B 32 11.36 -22.98 -19.87
C THR B 32 12.09 -24.21 -19.37
N GLU B 33 11.33 -25.29 -19.11
CA GLU B 33 11.84 -26.50 -18.46
C GLU B 33 12.45 -26.15 -17.12
N ALA B 34 11.62 -25.51 -16.29
CA ALA B 34 12.09 -24.90 -15.06
C ALA B 34 12.81 -25.89 -14.15
N SER B 35 12.33 -27.15 -14.09
CA SER B 35 12.90 -28.09 -13.14
C SER B 35 14.33 -28.49 -13.48
N LYS B 36 14.79 -28.23 -14.72
CA LYS B 36 16.16 -28.54 -15.14
C LYS B 36 17.20 -27.55 -14.60
N GLY B 37 16.78 -26.42 -14.03
CA GLY B 37 17.68 -25.56 -13.25
C GLY B 37 18.28 -24.40 -14.01
N LEU B 38 19.15 -23.68 -13.30
CA LEU B 38 19.70 -22.43 -13.81
C LEU B 38 20.52 -22.64 -15.07
N ASN B 39 21.35 -23.69 -15.10
CA ASN B 39 22.21 -23.81 -16.27
C ASN B 39 21.43 -24.16 -17.52
N ASN B 40 20.31 -24.86 -17.36
CA ASN B 40 19.37 -24.99 -18.46
C ASN B 40 18.94 -23.61 -18.99
N ILE B 41 18.48 -22.74 -18.09
CA ILE B 41 18.01 -21.41 -18.50
C ILE B 41 19.14 -20.61 -19.15
N LEU B 42 20.37 -20.69 -18.61
CA LEU B 42 21.50 -19.98 -19.20
C LEU B 42 21.83 -20.53 -20.60
N ASN B 43 21.67 -21.84 -20.81
CA ASN B 43 21.85 -22.42 -22.13
C ASN B 43 20.82 -21.85 -23.12
N LYS B 44 19.55 -21.85 -22.72
CA LYS B 44 18.52 -21.28 -23.57
C LYS B 44 18.80 -19.82 -23.87
N ILE B 45 19.20 -19.04 -22.86
CA ILE B 45 19.57 -17.64 -23.08
C ILE B 45 20.69 -17.53 -24.10
N ASP B 46 21.67 -18.43 -24.02
CA ASP B 46 22.77 -18.41 -24.98
C ASP B 46 22.29 -18.67 -26.40
N ASN B 47 21.38 -19.64 -26.57
CA ASN B 47 20.83 -19.88 -27.91
C ASN B 47 20.04 -18.67 -28.41
N ILE B 48 19.29 -18.02 -27.50
CA ILE B 48 18.60 -16.79 -27.85
C ILE B 48 19.59 -15.73 -28.31
N PHE B 49 20.73 -15.62 -27.61
CA PHE B 49 21.69 -14.57 -27.97
C PHE B 49 22.31 -14.83 -29.36
N LYS B 50 22.68 -16.08 -29.65
CA LYS B 50 23.27 -16.38 -30.96
C LYS B 50 22.28 -16.08 -32.07
N ARG B 51 21.01 -16.43 -31.86
CA ARG B 51 19.97 -16.19 -32.86
C ARG B 51 19.84 -14.71 -33.18
N TYR B 52 20.12 -13.83 -32.21
CA TYR B 52 19.98 -12.41 -32.43
C TYR B 52 21.31 -11.66 -32.43
N LYS B 53 22.44 -12.36 -32.25
CA LYS B 53 23.75 -11.70 -32.12
C LYS B 53 24.04 -10.73 -33.25
N GLU B 54 23.73 -11.10 -34.48
CA GLU B 54 24.06 -10.19 -35.56
C GLU B 54 23.04 -9.07 -35.75
N ASN B 55 22.02 -8.98 -34.89
CA ASN B 55 21.19 -7.78 -34.84
C ASN B 55 21.80 -6.64 -34.00
N ASN B 56 22.98 -6.83 -33.41
CA ASN B 56 23.67 -5.82 -32.65
C ASN B 56 22.81 -5.22 -31.53
N PRO B 57 22.28 -6.04 -30.62
CA PRO B 57 21.47 -5.48 -29.54
C PRO B 57 22.32 -4.65 -28.58
N VAL B 58 21.76 -3.53 -28.11
CA VAL B 58 22.52 -2.69 -27.17
C VAL B 58 22.69 -3.36 -25.82
N GLY B 59 21.90 -4.38 -25.52
CA GLY B 59 21.98 -5.08 -24.25
C GLY B 59 20.86 -6.09 -24.13
N ILE B 60 20.91 -6.85 -23.05
CA ILE B 60 19.93 -7.91 -22.77
C ILE B 60 19.08 -7.49 -21.58
N ALA B 61 17.77 -7.46 -21.77
CA ALA B 61 16.81 -7.07 -20.74
C ALA B 61 15.96 -8.27 -20.37
N VAL B 62 15.99 -8.66 -19.10
CA VAL B 62 15.40 -9.93 -18.66
C VAL B 62 14.32 -9.65 -17.62
N SER B 63 13.12 -10.15 -17.88
CA SER B 63 12.04 -10.26 -16.91
C SER B 63 12.08 -11.69 -16.36
N GLY B 64 12.19 -11.82 -15.04
CA GLY B 64 12.36 -13.11 -14.41
C GLY B 64 11.24 -13.44 -13.45
N THR B 65 11.26 -14.68 -13.01
CA THR B 65 10.34 -15.19 -12.00
C THR B 65 11.02 -15.19 -10.63
N GLY B 66 10.21 -15.13 -9.57
CA GLY B 66 10.73 -15.09 -8.21
C GLY B 66 10.92 -13.68 -7.67
N GLN B 67 11.44 -13.60 -6.44
CA GLN B 67 11.74 -12.32 -5.82
C GLN B 67 13.11 -11.84 -6.28
N ILE B 68 13.17 -10.60 -6.76
CA ILE B 68 14.35 -10.10 -7.46
C ILE B 68 14.64 -8.69 -6.97
N ASN B 69 15.90 -8.44 -6.64
CA ASN B 69 16.44 -7.10 -6.44
C ASN B 69 16.79 -6.58 -7.82
N GLY B 70 15.94 -5.71 -8.37
CA GLY B 70 16.11 -5.21 -9.73
C GLY B 70 17.18 -4.15 -9.90
N MET B 71 17.66 -3.56 -8.81
CA MET B 71 18.78 -2.62 -8.93
C MET B 71 20.07 -3.34 -9.33
N ILE B 72 20.28 -4.54 -8.81
CA ILE B 72 21.51 -5.27 -9.09
C ILE B 72 21.27 -6.52 -9.94
N GLY B 73 20.02 -6.95 -10.12
CA GLY B 73 19.70 -8.07 -10.96
C GLY B 73 19.97 -9.40 -10.28
N LYS B 74 19.53 -9.56 -9.05
CA LYS B 74 19.75 -10.78 -8.30
C LYS B 74 18.44 -11.38 -7.83
N VAL B 75 18.28 -12.69 -7.99
CA VAL B 75 17.14 -13.42 -7.43
C VAL B 75 17.39 -13.64 -5.94
N ILE B 76 16.49 -13.12 -5.09
CA ILE B 76 16.66 -13.16 -3.64
C ILE B 76 15.67 -14.06 -2.93
N GLY B 77 14.70 -14.62 -3.64
CA GLY B 77 13.77 -15.50 -2.97
C GLY B 77 12.64 -15.87 -3.90
N GLY B 78 11.52 -16.24 -3.31
CA GLY B 78 10.38 -16.70 -4.08
C GLY B 78 10.24 -18.20 -4.01
N ASN B 79 9.28 -18.71 -4.76
CA ASN B 79 9.04 -20.15 -4.79
C ASN B 79 10.19 -20.87 -5.49
N PRO B 80 10.73 -21.92 -4.91
CA PRO B 80 11.90 -22.61 -5.52
C PRO B 80 11.50 -23.50 -6.70
N ILE B 81 11.10 -22.86 -7.80
CA ILE B 81 10.69 -23.62 -8.97
C ILE B 81 11.86 -23.98 -9.87
N ILE B 82 12.95 -23.22 -9.81
CA ILE B 82 14.10 -23.45 -10.67
C ILE B 82 15.34 -23.68 -9.81
N PRO B 83 15.93 -24.89 -9.82
CA PRO B 83 17.08 -25.16 -8.95
C PRO B 83 18.23 -24.21 -9.24
N ASN B 84 18.80 -23.65 -8.16
CA ASN B 84 19.92 -22.70 -8.18
C ASN B 84 19.56 -21.35 -8.77
N TRP B 85 18.28 -21.11 -9.12
CA TRP B 85 17.86 -19.81 -9.59
C TRP B 85 17.99 -18.77 -8.48
N ILE B 86 17.45 -19.07 -7.30
CA ILE B 86 17.55 -18.14 -6.19
C ILE B 86 19.01 -17.97 -5.81
N GLY B 87 19.42 -16.73 -5.60
CA GLY B 87 20.80 -16.39 -5.34
C GLY B 87 21.56 -15.93 -6.56
N THR B 88 21.04 -16.20 -7.76
CA THR B 88 21.77 -15.89 -8.98
C THR B 88 21.75 -14.39 -9.26
N ASN B 89 22.94 -13.82 -9.54
CA ASN B 89 23.04 -12.47 -10.08
C ASN B 89 23.15 -12.61 -11.59
N LEU B 90 22.00 -12.61 -12.26
CA LEU B 90 21.99 -12.80 -13.70
C LEU B 90 22.69 -11.64 -14.41
N VAL B 91 22.62 -10.42 -13.86
CA VAL B 91 23.35 -9.31 -14.45
C VAL B 91 24.85 -9.59 -14.44
N LYS B 92 25.35 -10.15 -13.33
CA LYS B 92 26.74 -10.61 -13.25
C LYS B 92 27.09 -11.58 -14.34
N ILE B 93 26.31 -12.65 -14.44
CA ILE B 93 26.67 -13.75 -15.31
C ILE B 93 26.63 -13.33 -16.78
N LEU B 94 25.59 -12.61 -17.17
CA LEU B 94 25.44 -12.26 -18.57
C LEU B 94 26.33 -11.10 -19.00
N GLU B 95 26.56 -10.13 -18.11
CA GLU B 95 27.46 -9.03 -18.47
C GLU B 95 28.88 -9.55 -18.70
N GLU B 96 29.30 -10.57 -17.96
CA GLU B 96 30.63 -11.13 -18.21
C GLU B 96 30.67 -11.94 -19.50
N LYS B 97 29.61 -12.72 -19.76
CA LYS B 97 29.62 -13.62 -20.91
C LYS B 97 29.49 -12.86 -22.23
N TYR B 98 28.61 -11.87 -22.30
CA TYR B 98 28.31 -11.22 -23.57
C TYR B 98 28.84 -9.79 -23.66
N ASN B 99 29.42 -9.24 -22.59
CA ASN B 99 30.04 -7.91 -22.60
C ASN B 99 29.04 -6.85 -23.10
N LEU B 100 27.83 -6.91 -22.55
CA LEU B 100 26.76 -5.95 -22.80
C LEU B 100 26.08 -5.60 -21.49
N PRO B 101 25.49 -4.40 -21.40
CA PRO B 101 24.68 -4.08 -20.22
C PRO B 101 23.45 -4.98 -20.12
N ILE B 102 23.14 -5.41 -18.90
CA ILE B 102 22.07 -6.33 -18.58
C ILE B 102 21.17 -5.72 -17.50
N VAL B 103 19.86 -6.04 -17.56
CA VAL B 103 19.01 -5.89 -16.36
C VAL B 103 18.22 -7.17 -16.13
N LEU B 104 17.94 -7.42 -14.85
CA LEU B 104 17.00 -8.44 -14.40
C LEU B 104 16.06 -7.79 -13.40
N GLU B 105 14.75 -7.95 -13.64
CA GLU B 105 13.70 -7.39 -12.81
C GLU B 105 12.58 -8.42 -12.69
N ASN B 106 11.78 -8.34 -11.62
CA ASN B 106 10.80 -9.38 -11.44
C ASN B 106 9.66 -9.19 -12.44
N ASP B 107 8.82 -10.21 -12.51
CA ASP B 107 7.85 -10.33 -13.58
C ASP B 107 6.86 -9.18 -13.56
N VAL B 108 6.20 -8.94 -12.42
CA VAL B 108 5.10 -7.99 -12.44
C VAL B 108 5.60 -6.56 -12.49
N ASN B 109 6.83 -6.31 -12.07
CA ASN B 109 7.38 -4.97 -12.20
C ASN B 109 7.66 -4.66 -13.66
N CYS B 110 8.17 -5.63 -14.41
CA CYS B 110 8.38 -5.42 -15.84
C CYS B 110 7.07 -5.14 -16.56
N VAL B 111 6.02 -5.90 -16.25
CA VAL B 111 4.71 -5.64 -16.86
C VAL B 111 4.27 -4.22 -16.56
N ALA B 112 4.36 -3.83 -15.29
CA ALA B 112 3.98 -2.47 -14.91
C ALA B 112 4.77 -1.44 -15.68
N LEU B 113 6.09 -1.62 -15.78
CA LEU B 113 6.90 -0.68 -16.54
C LEU B 113 6.57 -0.69 -18.03
N GLY B 114 6.22 -1.87 -18.57
CA GLY B 114 5.80 -1.94 -19.96
C GLY B 114 4.56 -1.12 -20.21
N GLU B 115 3.52 -1.34 -19.38
CA GLU B 115 2.29 -0.56 -19.51
C GLU B 115 2.53 0.91 -19.24
N LYS B 116 3.49 1.24 -18.36
CA LYS B 116 3.84 2.64 -18.09
C LYS B 116 4.40 3.31 -19.34
N TRP B 117 5.25 2.59 -20.06
CA TRP B 117 5.96 3.15 -21.20
C TRP B 117 5.04 3.35 -22.41
N VAL B 118 4.39 2.28 -22.86
CA VAL B 118 3.67 2.33 -24.14
C VAL B 118 2.31 1.66 -24.05
N GLY B 119 1.89 1.31 -22.84
CA GLY B 119 0.62 0.61 -22.69
C GLY B 119 -0.47 1.41 -21.99
N ALA B 120 -1.25 0.74 -21.15
CA ALA B 120 -2.41 1.37 -20.53
C ALA B 120 -2.04 2.45 -19.52
N GLY B 121 -0.78 2.53 -19.13
CA GLY B 121 -0.31 3.59 -18.25
C GLY B 121 0.48 4.69 -18.92
N LYS B 122 0.47 4.77 -20.26
CA LYS B 122 1.38 5.67 -20.96
C LYS B 122 1.09 7.13 -20.65
N ASP B 123 -0.13 7.45 -20.25
CA ASP B 123 -0.49 8.82 -19.89
C ASP B 123 -0.59 9.02 -18.39
N LEU B 124 -0.06 8.08 -17.59
CA LEU B 124 -0.20 8.11 -16.13
C LEU B 124 1.15 8.25 -15.45
N SER B 125 1.16 8.95 -14.32
CA SER B 125 2.30 8.99 -13.43
C SER B 125 2.14 8.10 -12.20
N ASN B 126 0.92 7.68 -11.89
CA ASN B 126 0.62 6.85 -10.74
C ASN B 126 -0.37 5.79 -11.18
N PHE B 127 -0.11 4.54 -10.80
CA PHE B 127 -1.13 3.49 -10.90
C PHE B 127 -0.64 2.26 -10.12
N ILE B 128 -1.56 1.33 -9.92
CA ILE B 128 -1.24 -0.01 -9.45
C ILE B 128 -1.64 -0.97 -10.57
N CYS B 129 -0.70 -1.81 -11.00
CA CYS B 129 -0.92 -2.75 -12.10
C CYS B 129 -0.81 -4.17 -11.57
N LEU B 130 -1.92 -4.92 -11.60
CA LEU B 130 -1.94 -6.30 -11.12
C LEU B 130 -2.04 -7.27 -12.29
N THR B 131 -1.25 -8.33 -12.23
CA THR B 131 -1.43 -9.46 -13.13
C THR B 131 -2.14 -10.59 -12.37
N ILE B 132 -3.11 -11.20 -13.03
CA ILE B 132 -3.96 -12.24 -12.45
C ILE B 132 -3.73 -13.49 -13.29
N GLY B 133 -2.73 -14.29 -12.93
CA GLY B 133 -2.52 -15.56 -13.60
C GLY B 133 -2.54 -16.74 -12.65
N THR B 134 -1.39 -17.42 -12.55
CA THR B 134 -1.24 -18.50 -11.59
C THR B 134 -1.24 -17.95 -10.17
N GLY B 135 -0.80 -16.71 -10.00
CA GLY B 135 -1.01 -16.03 -8.74
C GLY B 135 -1.49 -14.62 -9.00
N ILE B 136 -1.38 -13.76 -8.00
CA ILE B 136 -1.69 -12.35 -8.10
C ILE B 136 -0.46 -11.60 -7.62
N GLY B 137 0.02 -10.67 -8.45
CA GLY B 137 1.09 -9.79 -8.07
C GLY B 137 0.80 -8.42 -8.65
N GLY B 138 1.52 -7.42 -8.16
CA GLY B 138 1.27 -6.06 -8.54
C GLY B 138 2.56 -5.28 -8.68
N GLY B 139 2.55 -4.32 -9.61
CA GLY B 139 3.63 -3.37 -9.77
C GLY B 139 3.06 -2.00 -9.46
N ILE B 140 3.77 -1.22 -8.67
CA ILE B 140 3.26 0.04 -8.14
C ILE B 140 4.07 1.17 -8.76
N LEU B 141 3.39 2.09 -9.45
CA LEU B 141 4.03 3.29 -9.98
C LEU B 141 3.60 4.46 -9.12
N LEU B 142 4.58 5.14 -8.51
CA LEU B 142 4.33 6.34 -7.71
C LEU B 142 5.30 7.42 -8.15
N ASN B 143 4.75 8.62 -8.40
CA ASN B 143 5.47 9.75 -9.00
C ASN B 143 6.47 9.29 -10.07
N ASN B 144 5.92 8.61 -11.07
CA ASN B 144 6.61 8.18 -12.28
C ASN B 144 7.70 7.18 -12.03
N GLN B 145 7.78 6.60 -10.82
CA GLN B 145 8.82 5.64 -10.49
C GLN B 145 8.22 4.37 -9.93
N LEU B 146 8.78 3.25 -10.35
CA LEU B 146 8.45 1.96 -9.75
C LEU B 146 8.77 1.95 -8.26
N PHE B 147 7.84 1.48 -7.46
CA PHE B 147 7.98 1.42 -6.00
C PHE B 147 8.23 -0.04 -5.65
N ARG B 148 9.48 -0.37 -5.32
CA ARG B 148 9.88 -1.76 -5.17
C ARG B 148 9.78 -2.26 -3.74
N GLY B 149 9.66 -1.37 -2.78
CA GLY B 149 9.72 -1.78 -1.38
C GLY B 149 11.14 -1.75 -0.84
N GLU B 150 11.23 -1.65 0.50
CA GLU B 150 12.53 -1.58 1.15
C GLU B 150 13.35 -2.85 0.98
N ASN B 151 12.72 -3.99 0.67
CA ASN B 151 13.44 -5.22 0.37
C ASN B 151 12.95 -5.83 -0.94
N PHE B 152 12.49 -4.99 -1.87
CA PHE B 152 12.27 -5.35 -3.27
C PHE B 152 11.08 -6.26 -3.48
N VAL B 153 10.22 -6.45 -2.48
CA VAL B 153 9.08 -7.34 -2.62
C VAL B 153 7.75 -6.65 -2.30
N ALA B 154 7.70 -5.31 -2.42
CA ALA B 154 6.40 -4.64 -2.38
C ALA B 154 5.55 -5.13 -3.53
N GLY B 155 4.23 -5.09 -3.33
CA GLY B 155 3.28 -5.50 -4.34
C GLY B 155 2.97 -6.98 -4.40
N GLU B 156 3.40 -7.76 -3.41
CA GLU B 156 3.05 -9.17 -3.39
C GLU B 156 1.63 -9.33 -2.84
N PHE B 157 0.69 -8.77 -3.61
CA PHE B 157 -0.70 -8.67 -3.17
C PHE B 157 -1.34 -10.03 -2.96
N GLY B 158 -0.84 -11.07 -3.63
CA GLY B 158 -1.41 -12.41 -3.51
C GLY B 158 -1.49 -12.96 -2.09
N HIS B 159 -0.63 -12.48 -1.18
CA HIS B 159 -0.61 -12.97 0.20
C HIS B 159 -1.48 -12.14 1.14
N ILE B 160 -2.04 -11.02 0.70
CA ILE B 160 -2.91 -10.30 1.64
C ILE B 160 -4.14 -11.14 1.94
N LEU B 161 -4.80 -10.80 3.03
CA LEU B 161 -5.94 -11.56 3.51
C LEU B 161 -7.23 -11.04 2.88
N ILE B 162 -8.13 -11.97 2.55
CA ILE B 162 -9.54 -11.64 2.36
C ILE B 162 -10.33 -12.55 3.28
N LYS B 163 -11.66 -12.42 3.26
CA LYS B 163 -12.54 -13.15 4.16
C LYS B 163 -12.23 -14.66 4.12
N LYS B 164 -12.03 -15.21 2.91
CA LYS B 164 -11.85 -16.65 2.72
C LYS B 164 -10.41 -17.15 2.95
N GLY B 165 -9.40 -16.28 2.97
CA GLY B 165 -8.03 -16.73 3.14
C GLY B 165 -7.06 -15.85 2.36
N GLU B 166 -6.05 -16.47 1.79
CA GLU B 166 -5.08 -15.71 1.02
C GLU B 166 -5.70 -15.27 -0.30
N PHE B 167 -5.50 -14.00 -0.65
CA PHE B 167 -6.04 -13.39 -1.86
C PHE B 167 -5.87 -14.30 -3.09
N GLU B 168 -4.60 -14.62 -3.38
CA GLU B 168 -4.22 -15.51 -4.48
C GLU B 168 -5.00 -16.82 -4.48
N GLN B 169 -5.22 -17.42 -3.31
CA GLN B 169 -5.84 -18.73 -3.28
C GLN B 169 -7.30 -18.69 -3.68
N PHE B 170 -7.88 -17.50 -3.80
CA PHE B 170 -9.30 -17.42 -4.12
C PHE B 170 -9.64 -16.49 -5.28
N ALA B 171 -8.66 -15.79 -5.86
CA ALA B 171 -8.95 -14.81 -6.91
C ALA B 171 -7.96 -14.86 -8.07
N SER B 172 -6.95 -15.72 -8.02
CA SER B 172 -6.15 -15.90 -9.22
C SER B 172 -6.93 -16.71 -10.25
N THR B 173 -6.41 -16.76 -11.48
CA THR B 173 -7.03 -17.62 -12.48
C THR B 173 -6.95 -19.08 -12.04
N THR B 174 -5.80 -19.49 -11.47
CA THR B 174 -5.65 -20.83 -10.88
C THR B 174 -6.76 -21.11 -9.88
N ALA B 175 -7.07 -20.13 -9.04
CA ALA B 175 -8.16 -20.33 -8.08
C ALA B 175 -9.49 -20.48 -8.79
N LEU B 176 -9.72 -19.71 -9.86
CA LEU B 176 -10.97 -19.85 -10.60
C LEU B 176 -11.09 -21.26 -11.17
N ILE B 177 -10.03 -21.72 -11.82
CA ILE B 177 -9.99 -23.09 -12.32
C ILE B 177 -10.24 -24.08 -11.19
N ARG B 178 -9.65 -23.83 -10.01
CA ARG B 178 -9.85 -24.77 -8.90
C ARG B 178 -11.29 -24.77 -8.41
N LEU B 179 -11.90 -23.58 -8.34
CA LEU B 179 -13.29 -23.51 -7.91
C LEU B 179 -14.20 -24.27 -8.87
N VAL B 180 -13.96 -24.15 -10.17
CA VAL B 180 -14.77 -24.90 -11.14
C VAL B 180 -14.56 -26.40 -10.96
N LYS B 181 -13.30 -26.80 -10.74
CA LYS B 181 -13.00 -28.22 -10.54
C LYS B 181 -13.68 -28.74 -9.28
N GLU B 182 -13.63 -27.97 -8.20
CA GLU B 182 -14.23 -28.44 -6.95
C GLU B 182 -15.74 -28.59 -7.08
N ARG B 183 -16.38 -27.75 -7.86
CA ARG B 183 -17.84 -27.80 -7.89
C ARG B 183 -18.39 -28.66 -9.02
N THR B 184 -17.71 -28.73 -10.17
CA THR B 184 -18.22 -29.48 -11.33
C THR B 184 -17.48 -30.77 -11.63
N GLY B 185 -16.31 -31.00 -11.03
CA GLY B 185 -15.50 -32.14 -11.38
C GLY B 185 -14.68 -31.96 -12.64
N LYS B 186 -14.88 -30.87 -13.38
CA LYS B 186 -14.17 -30.64 -14.63
C LYS B 186 -12.97 -29.71 -14.43
N THR B 187 -11.89 -30.02 -15.14
CA THR B 187 -10.68 -29.21 -15.17
C THR B 187 -10.68 -28.45 -16.48
N LEU B 188 -10.99 -27.16 -16.41
CA LEU B 188 -11.16 -26.32 -17.59
C LEU B 188 -10.15 -25.18 -17.63
N ASN B 189 -10.11 -24.54 -18.79
CA ASN B 189 -9.35 -23.36 -19.17
C ASN B 189 -10.08 -22.13 -18.67
N GLY B 190 -9.36 -21.02 -18.53
CA GLY B 190 -10.05 -19.77 -18.26
C GLY B 190 -11.00 -19.39 -19.38
N LYS B 191 -10.53 -19.49 -20.62
CA LYS B 191 -11.41 -19.26 -21.77
C LYS B 191 -12.60 -20.21 -21.76
N GLU B 192 -12.36 -21.51 -21.58
CA GLU B 192 -13.46 -22.47 -21.58
C GLU B 192 -14.47 -22.16 -20.48
N ILE B 193 -13.98 -21.71 -19.31
CA ILE B 193 -14.90 -21.40 -18.23
C ILE B 193 -15.80 -20.21 -18.60
N PHE B 194 -15.23 -19.17 -19.19
CA PHE B 194 -16.03 -18.01 -19.55
C PHE B 194 -16.93 -18.29 -20.75
N ASP B 195 -16.50 -19.12 -21.69
CA ASP B 195 -17.42 -19.53 -22.76
C ASP B 195 -18.68 -20.17 -22.19
N LEU B 196 -18.52 -21.03 -21.18
CA LEU B 196 -19.68 -21.65 -20.57
C LEU B 196 -20.57 -20.61 -19.89
N GLU B 197 -19.97 -19.58 -19.31
CA GLU B 197 -20.79 -18.49 -18.77
C GLU B 197 -21.49 -17.75 -19.90
N LYS B 198 -20.82 -17.60 -21.04
CA LYS B 198 -21.43 -16.94 -22.19
C LYS B 198 -22.68 -17.67 -22.70
N LYS B 199 -22.77 -18.98 -22.46
CA LYS B 199 -23.97 -19.76 -22.72
C LYS B 199 -24.96 -19.73 -21.56
N GLU B 200 -24.76 -18.81 -20.61
CA GLU B 200 -25.64 -18.63 -19.46
C GLU B 200 -25.98 -19.95 -18.74
N ILE B 201 -25.00 -20.83 -18.61
CA ILE B 201 -25.14 -22.01 -17.76
C ILE B 201 -25.01 -21.58 -16.31
N LEU B 202 -26.05 -21.82 -15.51
CA LEU B 202 -26.15 -21.20 -14.19
C LEU B 202 -24.95 -21.53 -13.31
N GLU B 203 -24.50 -22.79 -13.34
CA GLU B 203 -23.39 -23.22 -12.48
C GLU B 203 -22.16 -22.34 -12.66
N TYR B 204 -21.83 -22.00 -13.90
CA TYR B 204 -20.62 -21.21 -14.16
C TYR B 204 -20.84 -19.73 -13.88
N GLN B 205 -22.08 -19.26 -13.99
CA GLN B 205 -22.37 -17.89 -13.59
C GLN B 205 -22.15 -17.72 -12.09
N GLU B 206 -22.60 -18.68 -11.30
CA GLU B 206 -22.46 -18.53 -9.85
C GLU B 206 -21.00 -18.60 -9.42
N ILE B 207 -20.20 -19.45 -10.06
CA ILE B 207 -18.79 -19.60 -9.67
C ILE B 207 -17.99 -18.35 -10.05
N ILE B 208 -18.20 -17.86 -11.27
CA ILE B 208 -17.47 -16.68 -11.69
C ILE B 208 -17.87 -15.47 -10.86
N SER B 209 -19.16 -15.36 -10.53
CA SER B 209 -19.59 -14.23 -9.71
C SER B 209 -18.96 -14.31 -8.32
N GLU B 210 -18.86 -15.52 -7.77
CA GLU B 210 -18.22 -15.71 -6.48
C GLU B 210 -16.74 -15.35 -6.55
N TRP B 211 -16.08 -15.74 -7.65
CA TRP B 211 -14.67 -15.44 -7.87
C TRP B 211 -14.44 -13.94 -7.99
N ILE B 212 -15.36 -13.22 -8.64
CA ILE B 212 -15.26 -11.76 -8.77
C ILE B 212 -15.33 -11.10 -7.39
N GLU B 213 -16.20 -11.59 -6.52
CA GLU B 213 -16.26 -11.08 -5.14
C GLU B 213 -14.94 -11.29 -4.41
N ASN B 214 -14.35 -12.48 -4.52
CA ASN B 214 -13.01 -12.72 -3.94
C ASN B 214 -12.01 -11.71 -4.48
N LEU B 215 -12.10 -11.44 -5.79
CA LEU B 215 -11.15 -10.53 -6.42
C LEU B 215 -11.31 -9.10 -5.91
N THR B 216 -12.56 -8.62 -5.79
CA THR B 216 -12.74 -7.24 -5.36
C THR B 216 -12.58 -7.06 -3.84
N ASP B 217 -12.70 -8.14 -3.06
CA ASP B 217 -12.27 -8.11 -1.66
C ASP B 217 -10.82 -7.66 -1.54
N GLY B 218 -9.92 -8.36 -2.25
CA GLY B 218 -8.52 -8.01 -2.17
C GLY B 218 -8.23 -6.65 -2.75
N LEU B 219 -8.88 -6.32 -3.88
CA LEU B 219 -8.65 -5.00 -4.47
C LEU B 219 -9.02 -3.90 -3.50
N SER B 220 -10.09 -4.08 -2.74
CA SER B 220 -10.53 -3.02 -1.84
C SER B 220 -9.53 -2.80 -0.72
N SER B 221 -8.90 -3.87 -0.21
CA SER B 221 -7.84 -3.70 0.78
C SER B 221 -6.69 -2.90 0.21
N ILE B 222 -6.35 -3.16 -1.06
CA ILE B 222 -5.28 -2.42 -1.71
C ILE B 222 -5.63 -0.93 -1.82
N ILE B 223 -6.89 -0.65 -2.16
CA ILE B 223 -7.34 0.72 -2.38
C ILE B 223 -7.35 1.49 -1.07
N TYR B 224 -7.77 0.83 0.01
CA TYR B 224 -7.72 1.48 1.32
C TYR B 224 -6.29 1.81 1.72
N CYS B 225 -5.31 0.98 1.32
CA CYS B 225 -3.91 1.28 1.60
C CYS B 225 -3.38 2.41 0.73
N PHE B 226 -3.66 2.35 -0.57
CA PHE B 226 -2.96 3.23 -1.50
C PHE B 226 -3.80 4.41 -1.98
N ASN B 227 -5.13 4.33 -1.94
CA ASN B 227 -6.00 5.32 -2.54
C ASN B 227 -5.50 5.71 -3.93
N PRO B 228 -5.32 4.74 -4.83
CA PRO B 228 -4.90 5.06 -6.19
C PRO B 228 -6.04 5.74 -6.94
N ALA B 229 -5.67 6.36 -8.06
CA ALA B 229 -6.68 6.79 -9.03
C ALA B 229 -6.81 5.83 -10.19
N ASN B 230 -5.79 4.99 -10.43
CA ASN B 230 -5.77 4.07 -11.56
C ASN B 230 -5.27 2.70 -11.14
N ILE B 231 -6.10 1.69 -11.39
CA ILE B 231 -5.73 0.28 -11.29
C ILE B 231 -5.77 -0.32 -12.69
N ILE B 232 -4.69 -0.98 -13.09
CA ILE B 232 -4.60 -1.64 -14.38
C ILE B 232 -4.56 -3.14 -14.11
N LEU B 233 -5.50 -3.88 -14.71
CA LEU B 233 -5.60 -5.32 -14.58
C LEU B 233 -5.11 -6.02 -15.85
N GLY B 234 -4.30 -7.06 -15.67
CA GLY B 234 -3.75 -7.80 -16.79
C GLY B 234 -3.67 -9.29 -16.52
N GLY B 235 -3.18 -10.00 -17.53
CA GLY B 235 -3.05 -11.43 -17.51
C GLY B 235 -4.26 -12.13 -18.07
N GLY B 236 -4.03 -13.36 -18.51
CA GLY B 236 -5.05 -14.39 -18.53
C GLY B 236 -6.49 -14.00 -18.79
N VAL B 237 -7.34 -14.26 -17.79
CA VAL B 237 -8.77 -14.04 -17.89
C VAL B 237 -9.16 -12.59 -18.06
N ILE B 238 -8.24 -11.64 -17.90
CA ILE B 238 -8.58 -10.26 -18.24
C ILE B 238 -8.70 -10.09 -19.75
N GLU B 239 -8.18 -11.04 -20.53
CA GLU B 239 -8.55 -11.22 -21.92
C GLU B 239 -10.05 -11.08 -22.14
N GLN B 240 -10.85 -11.36 -21.11
CA GLN B 240 -12.32 -11.34 -21.19
C GLN B 240 -12.90 -9.94 -21.35
N GLY B 241 -12.42 -8.96 -20.57
CA GLY B 241 -13.07 -7.64 -20.44
C GLY B 241 -12.81 -6.89 -21.71
N GLU B 242 -13.48 -5.77 -21.99
CA GLU B 242 -14.24 -4.85 -21.12
C GLU B 242 -15.47 -5.31 -20.28
N PRO B 243 -16.26 -6.30 -20.73
CA PRO B 243 -17.36 -6.76 -19.87
C PRO B 243 -16.89 -7.26 -18.51
N LEU B 244 -15.70 -7.87 -18.44
CA LEU B 244 -15.18 -8.29 -17.13
C LEU B 244 -14.77 -7.08 -16.30
N ILE B 245 -14.08 -6.11 -16.93
CA ILE B 245 -13.69 -4.89 -16.22
C ILE B 245 -14.91 -4.25 -15.56
N ASN B 246 -16.05 -4.21 -16.27
CA ASN B 246 -17.23 -3.54 -15.72
C ASN B 246 -17.80 -4.27 -14.51
N ARG B 247 -17.90 -5.60 -14.59
CA ARG B 247 -18.38 -6.36 -13.44
C ARG B 247 -17.47 -6.15 -12.25
N ILE B 248 -16.16 -6.07 -12.49
CA ILE B 248 -15.20 -5.86 -11.41
C ILE B 248 -15.43 -4.50 -10.77
N LYS B 249 -15.60 -3.45 -11.59
CA LYS B 249 -15.97 -2.11 -11.10
C LYS B 249 -17.22 -2.17 -10.25
N ASN B 250 -18.32 -2.69 -10.82
CA ASN B 250 -19.58 -2.71 -10.07
C ASN B 250 -19.42 -3.40 -8.73
N SER B 251 -18.74 -4.56 -8.73
CA SER B 251 -18.53 -5.29 -7.49
C SER B 251 -17.68 -4.49 -6.51
N LEU B 252 -16.60 -3.89 -7.00
CA LEU B 252 -15.68 -3.16 -6.14
C LEU B 252 -16.32 -1.93 -5.52
N PHE B 253 -17.08 -1.16 -6.32
CA PHE B 253 -17.57 0.14 -5.84
C PHE B 253 -18.62 -0.02 -4.74
N LYS B 254 -19.19 -1.22 -4.58
CA LYS B 254 -20.02 -1.52 -3.42
C LYS B 254 -19.22 -1.70 -2.14
N LYS B 255 -17.89 -1.79 -2.24
CA LYS B 255 -17.06 -2.19 -1.10
C LYS B 255 -16.11 -1.10 -0.63
N ILE B 256 -16.05 0.03 -1.33
CA ILE B 256 -15.14 1.11 -0.98
C ILE B 256 -15.95 2.39 -0.87
N GLY B 257 -15.49 3.29 0.00
CA GLY B 257 -16.19 4.52 0.27
C GLY B 257 -16.04 5.56 -0.82
N PRO B 258 -16.88 6.60 -0.74
CA PRO B 258 -16.93 7.63 -1.81
C PRO B 258 -15.60 8.26 -2.17
N GLN B 259 -14.76 8.59 -1.18
CA GLN B 259 -13.48 9.21 -1.52
C GLN B 259 -12.50 8.24 -2.18
N PHE B 260 -12.72 6.93 -2.06
CA PHE B 260 -11.83 5.96 -2.68
C PHE B 260 -12.22 5.62 -4.11
N LYS B 261 -13.49 5.82 -4.48
CA LYS B 261 -13.95 5.50 -5.82
C LYS B 261 -14.29 6.72 -6.67
N GLU B 262 -14.53 7.89 -6.07
CA GLU B 262 -15.02 9.02 -6.85
C GLU B 262 -14.08 9.38 -8.00
N LYS B 263 -12.77 9.18 -7.83
CA LYS B 263 -11.82 9.48 -8.90
C LYS B 263 -11.06 8.24 -9.36
N LEU B 264 -11.64 7.05 -9.16
CA LEU B 264 -10.96 5.79 -9.41
C LEU B 264 -11.38 5.18 -10.74
N ASN B 265 -10.40 4.76 -11.54
CA ASN B 265 -10.69 4.04 -12.76
C ASN B 265 -9.92 2.72 -12.78
N ILE B 266 -10.57 1.72 -13.37
CA ILE B 266 -10.01 0.38 -13.55
C ILE B 266 -10.04 0.07 -15.03
N THR B 267 -8.86 -0.21 -15.59
CA THR B 267 -8.69 -0.38 -17.02
C THR B 267 -7.84 -1.61 -17.31
N GLN B 268 -7.89 -2.04 -18.56
CA GLN B 268 -7.20 -3.25 -18.98
C GLN B 268 -5.79 -2.96 -19.48
N ALA B 269 -4.83 -3.79 -19.08
CA ALA B 269 -3.51 -3.76 -19.71
C ALA B 269 -3.67 -3.83 -21.23
N LYS B 270 -2.84 -3.09 -21.95
CA LYS B 270 -2.90 -3.09 -23.41
C LYS B 270 -1.89 -4.00 -24.09
N LEU B 271 -0.77 -4.32 -23.44
CA LEU B 271 0.32 -4.99 -24.13
C LEU B 271 0.25 -6.51 -24.05
N GLY B 272 -0.74 -7.07 -23.35
CA GLY B 272 -0.81 -8.52 -23.24
C GLY B 272 0.48 -9.12 -22.74
N ASN B 273 0.88 -10.24 -23.35
CA ASN B 273 2.06 -11.00 -22.93
C ASN B 273 3.35 -10.37 -23.38
N ASN B 274 3.31 -9.22 -24.03
CA ASN B 274 4.53 -8.55 -24.41
C ASN B 274 4.95 -7.52 -23.39
N ALA B 275 4.09 -7.22 -22.41
CA ALA B 275 4.39 -6.18 -21.42
C ALA B 275 5.74 -6.43 -20.75
N GLY B 276 6.00 -7.68 -20.37
CA GLY B 276 7.23 -8.02 -19.67
C GLY B 276 8.48 -7.67 -20.46
N MET B 277 8.54 -8.11 -21.72
CA MET B 277 9.68 -7.78 -22.55
C MET B 277 9.83 -6.27 -22.70
N ILE B 278 8.70 -5.56 -22.87
CA ILE B 278 8.76 -4.13 -23.10
C ILE B 278 9.23 -3.41 -21.84
N GLY B 279 8.73 -3.85 -20.68
CA GLY B 279 9.11 -3.21 -19.43
C GLY B 279 10.56 -3.45 -19.06
N ALA B 280 11.03 -4.69 -19.21
CA ALA B 280 12.45 -4.98 -19.05
C ALA B 280 13.31 -4.11 -19.96
N SER B 281 12.84 -3.86 -21.20
CA SER B 281 13.60 -3.02 -22.11
C SER B 281 13.60 -1.57 -21.66
N TYR B 282 12.47 -1.10 -21.14
CA TYR B 282 12.44 0.24 -20.54
C TYR B 282 13.49 0.38 -19.44
N LEU B 283 13.58 -0.61 -18.54
CA LEU B 283 14.56 -0.59 -17.45
C LEU B 283 15.98 -0.55 -17.98
N LEU B 284 16.29 -1.38 -18.99
CA LEU B 284 17.62 -1.40 -19.58
C LEU B 284 17.99 -0.04 -20.15
N LEU B 285 17.04 0.62 -20.82
CA LEU B 285 17.33 1.93 -21.38
C LEU B 285 17.59 2.96 -20.29
N GLU B 286 16.80 2.93 -19.19
CA GLU B 286 17.10 3.81 -18.05
C GLU B 286 18.53 3.58 -17.56
N LYS B 287 18.95 2.32 -17.47
CA LYS B 287 20.29 2.01 -16.98
C LYS B 287 21.37 2.57 -17.90
N ILE B 288 21.15 2.51 -19.22
CA ILE B 288 22.19 2.89 -20.18
C ILE B 288 22.33 4.41 -20.28
N ASN B 289 21.23 5.16 -20.10
CA ASN B 289 21.18 6.60 -20.37
C ASN B 289 19.78 7.16 -20.05
N LYS B 290 19.67 8.21 -19.23
CA LYS B 290 20.78 9.02 -18.71
C LYS B 290 21.55 8.31 -17.60
N ARG B 291 22.55 9.02 -17.07
CA ARG B 291 23.44 8.53 -16.03
C ARG B 291 24.48 9.60 -15.70
#